data_5NDE
#
_entry.id   5NDE
#
_cell.length_a   130.740
_cell.length_b   130.740
_cell.length_c   100.860
_cell.angle_alpha   90.00
_cell.angle_beta   90.00
_cell.angle_gamma   90.00
#
_symmetry.space_group_name_H-M   'P 42 2 2'
#
loop_
_entity.id
_entity.type
_entity.pdbx_description
1 polymer 'Beta-lactamase IMP-1'
2 non-polymer 'ZINC ION'
3 non-polymer 'SULFATE ION'
4 non-polymer GLYCEROL
5 non-polymer 'CHLORIDE ION'
6 water water
#
_entity_poly.entity_id   1
_entity_poly.type   'polypeptide(L)'
_entity_poly.pdbx_seq_one_letter_code
;GPKSSDHVDLPYNLTATKIDSDVFVVTDRDFYSSNVLVAKMLDGTVVIVSSPFENLGTQTLMDWVAKTMKPKKVVAINTH
FHLDGTGGNEIYKKMGAETWSSDLTKQLRLEENKKDRIKAAEFYKNEDLKRRILSSHPVPADNVFDLKQGKVFSFSNELV
EVSFPGPAHSPDNVVVYFPKKKLLFGGCMIKPKELGYLGDANVKAWPDSARRLKKFDAKIVIPGHGEWGGPEMVNKTIKV
AEKAVGEMRL
;
_entity_poly.pdbx_strand_id   A,B
#
loop_
_chem_comp.id
_chem_comp.type
_chem_comp.name
_chem_comp.formula
CL non-polymer 'CHLORIDE ION' 'Cl -1'
GOL non-polymer GLYCEROL 'C3 H8 O3'
SO4 non-polymer 'SULFATE ION' 'O4 S -2'
ZN non-polymer 'ZINC ION' 'Zn 2'
#
# COMPACT_ATOMS: atom_id res chain seq x y z
N ASP A 6 -11.20 -29.20 10.25
CA ASP A 6 -11.11 -27.79 9.90
C ASP A 6 -9.75 -27.22 10.33
N HIS A 7 -9.63 -26.86 11.61
CA HIS A 7 -8.40 -26.29 12.15
C HIS A 7 -8.23 -26.54 13.64
N VAL A 8 -7.01 -26.35 14.13
CA VAL A 8 -6.75 -26.38 15.57
C VAL A 8 -6.54 -24.95 16.04
N ASP A 9 -7.18 -24.61 17.16
CA ASP A 9 -7.10 -23.28 17.72
C ASP A 9 -5.86 -23.14 18.60
N LEU A 10 -5.03 -22.12 18.35
CA LEU A 10 -3.87 -21.84 19.22
C LEU A 10 -3.97 -20.48 19.93
N PRO A 11 -3.15 -20.26 20.96
CA PRO A 11 -3.08 -18.93 21.60
C PRO A 11 -2.75 -17.78 20.64
N TYR A 12 -3.08 -16.56 21.05
CA TYR A 12 -2.79 -15.35 20.29
C TYR A 12 -3.37 -15.41 18.88
N ASN A 13 -4.56 -16.02 18.77
CA ASN A 13 -5.32 -16.03 17.53
C ASN A 13 -4.56 -16.67 16.36
N LEU A 14 -3.76 -17.68 16.67
CA LEU A 14 -3.18 -18.53 15.61
C LEU A 14 -4.09 -19.74 15.37
N THR A 15 -4.15 -20.22 14.13
CA THR A 15 -4.85 -21.47 13.87
C THR A 15 -3.93 -22.36 13.04
N ALA A 16 -4.01 -23.67 13.23
CA ALA A 16 -3.18 -24.60 12.46
C ALA A 16 -4.06 -25.55 11.69
N THR A 17 -3.78 -25.71 10.39
CA THR A 17 -4.58 -26.58 9.54
C THR A 17 -3.70 -27.59 8.86
N LYS A 18 -4.09 -28.86 8.88
CA LYS A 18 -3.34 -29.91 8.20
C LYS A 18 -3.70 -29.95 6.72
N ILE A 19 -2.70 -29.88 5.85
CA ILE A 19 -3.02 -29.90 4.43
C ILE A 19 -2.50 -31.16 3.73
N ASP A 20 -1.69 -31.94 4.43
CA ASP A 20 -1.13 -33.18 3.91
C ASP A 20 -0.51 -33.91 5.08
N SER A 21 -0.11 -35.16 4.89
CA SER A 21 0.66 -35.86 5.91
C SER A 21 1.91 -35.05 6.23
N ASP A 22 2.13 -34.79 7.52
CA ASP A 22 3.33 -34.10 7.99
C ASP A 22 3.45 -32.66 7.49
N VAL A 23 2.33 -32.08 7.04
CA VAL A 23 2.36 -30.72 6.51
C VAL A 23 1.18 -29.88 7.00
N PHE A 24 1.51 -28.75 7.64
CA PHE A 24 0.52 -27.85 8.22
C PHE A 24 0.74 -26.41 7.78
N VAL A 25 -0.34 -25.64 7.70
CA VAL A 25 -0.23 -24.19 7.57
C VAL A 25 -0.73 -23.59 8.88
N VAL A 26 0.12 -22.76 9.50
CA VAL A 26 -0.27 -22.02 10.71
C VAL A 26 -0.49 -20.57 10.32
N THR A 27 -1.63 -20.02 10.71
CA THR A 27 -1.99 -18.66 10.28
C THR A 27 -2.08 -17.72 11.47
N ASP A 28 -1.38 -16.60 11.35
CA ASP A 28 -1.42 -15.52 12.35
C ASP A 28 -2.60 -14.62 12.03
N ARG A 29 -3.73 -14.85 12.70
CA ARG A 29 -4.93 -14.11 12.37
C ARG A 29 -5.01 -12.73 13.02
N ASP A 30 -4.11 -12.43 13.95
CA ASP A 30 -4.04 -11.08 14.50
C ASP A 30 -3.32 -10.14 13.53
N PHE A 31 -2.35 -10.67 12.80
CA PHE A 31 -1.54 -9.85 11.91
C PHE A 31 -1.71 -10.26 10.44
N TYR A 32 -2.79 -9.78 9.83
CA TYR A 32 -3.00 -9.86 8.37
C TYR A 32 -3.14 -11.28 7.81
N SER A 33 -3.55 -12.21 8.68
CA SER A 33 -3.78 -13.58 8.27
C SER A 33 -2.54 -14.15 7.57
N SER A 34 -1.38 -13.93 8.20
CA SER A 34 -0.12 -14.37 7.63
C SER A 34 0.10 -15.89 7.77
N ASN A 35 0.43 -16.55 6.65
CA ASN A 35 0.60 -18.00 6.63
C ASN A 35 2.03 -18.45 6.87
N VAL A 36 2.16 -19.51 7.66
CA VAL A 36 3.45 -20.11 7.98
C VAL A 36 3.38 -21.60 7.65
N LEU A 37 4.29 -22.09 6.80
CA LEU A 37 4.30 -23.51 6.48
C LEU A 37 5.15 -24.26 7.48
N VAL A 38 4.64 -25.37 7.98
CA VAL A 38 5.39 -26.23 8.88
C VAL A 38 5.36 -27.65 8.30
N ALA A 39 6.53 -28.15 7.89
CA ALA A 39 6.61 -29.44 7.22
C ALA A 39 7.60 -30.35 7.93
N LYS A 40 7.15 -31.54 8.31
CA LYS A 40 8.05 -32.52 8.92
C LYS A 40 8.61 -33.44 7.85
N MET A 41 9.94 -33.46 7.74
CA MET A 41 10.63 -34.28 6.74
C MET A 41 10.66 -35.73 7.17
N LEU A 42 10.93 -36.62 6.22
CA LEU A 42 10.96 -38.05 6.53
C LEU A 42 11.97 -38.38 7.62
N ASP A 43 13.07 -37.62 7.70
CA ASP A 43 14.09 -37.94 8.71
C ASP A 43 13.90 -37.22 10.05
N GLY A 44 12.78 -36.51 10.19
CA GLY A 44 12.44 -35.90 11.47
C GLY A 44 12.74 -34.42 11.60
N THR A 45 13.46 -33.86 10.62
CA THR A 45 13.69 -32.43 10.57
C THR A 45 12.37 -31.72 10.32
N VAL A 46 12.11 -30.63 11.04
CA VAL A 46 10.94 -29.81 10.73
C VAL A 46 11.40 -28.53 10.04
N VAL A 47 10.77 -28.23 8.91
CA VAL A 47 11.11 -27.02 8.16
C VAL A 47 9.97 -26.04 8.30
N ILE A 48 10.30 -24.82 8.71
CA ILE A 48 9.32 -23.76 8.88
C ILE A 48 9.59 -22.67 7.84
N VAL A 49 8.56 -22.28 7.09
CA VAL A 49 8.73 -21.25 6.08
C VAL A 49 7.90 -20.01 6.46
N SER A 50 8.57 -18.86 6.50
CA SER A 50 8.02 -17.57 6.94
C SER A 50 7.82 -17.58 8.47
N SER A 51 6.99 -16.67 8.95
CA SER A 51 6.81 -16.50 10.39
C SER A 51 5.56 -15.71 10.74
N PRO A 52 5.09 -15.86 11.98
CA PRO A 52 4.17 -14.86 12.54
C PRO A 52 4.89 -13.51 12.65
N PHE A 53 4.15 -12.45 12.94
CA PHE A 53 4.73 -11.10 12.96
C PHE A 53 5.68 -10.86 14.14
N GLU A 54 5.41 -11.46 15.30
CA GLU A 54 6.19 -11.08 16.48
C GLU A 54 6.35 -12.22 17.49
N ASN A 55 6.90 -11.90 18.67
CA ASN A 55 7.40 -12.93 19.57
C ASN A 55 6.34 -13.77 20.26
N LEU A 56 5.20 -13.18 20.59
CA LEU A 56 4.15 -13.96 21.24
C LEU A 56 3.57 -14.99 20.27
N GLY A 57 3.31 -14.56 19.04
CA GLY A 57 2.84 -15.49 18.02
C GLY A 57 3.85 -16.57 17.71
N THR A 58 5.13 -16.19 17.63
CA THR A 58 6.15 -17.16 17.25
C THR A 58 6.42 -18.15 18.38
N GLN A 59 6.40 -17.69 19.62
CA GLN A 59 6.55 -18.61 20.74
C GLN A 59 5.40 -19.62 20.74
N THR A 60 4.21 -19.13 20.45
CA THR A 60 3.02 -19.97 20.36
C THR A 60 3.21 -21.05 19.30
N LEU A 61 3.67 -20.64 18.13
CA LEU A 61 3.96 -21.56 17.04
C LEU A 61 4.97 -22.63 17.47
N MET A 62 6.08 -22.21 18.06
CA MET A 62 7.15 -23.14 18.42
C MET A 62 6.75 -24.09 19.54
N ASP A 63 5.91 -23.62 20.47
CA ASP A 63 5.37 -24.50 21.51
C ASP A 63 4.56 -25.64 20.87
N TRP A 64 3.74 -25.27 19.89
CA TRP A 64 2.91 -26.24 19.16
C TRP A 64 3.77 -27.20 18.32
N VAL A 65 4.80 -26.67 17.67
CA VAL A 65 5.70 -27.53 16.90
C VAL A 65 6.36 -28.56 17.83
N ALA A 66 6.85 -28.09 18.97
CA ALA A 66 7.54 -28.98 19.92
C ALA A 66 6.60 -30.07 20.42
N LYS A 67 5.39 -29.67 20.77
CA LYS A 67 4.43 -30.58 21.36
C LYS A 67 3.96 -31.63 20.36
N THR A 68 3.68 -31.21 19.13
CA THR A 68 3.00 -32.08 18.18
C THR A 68 3.91 -32.81 17.18
N MET A 69 5.13 -32.30 16.98
CA MET A 69 6.01 -32.89 15.97
C MET A 69 7.31 -33.45 16.51
N LYS A 70 7.67 -33.04 17.73
CA LYS A 70 8.91 -33.46 18.39
C LYS A 70 10.09 -33.47 17.42
N PRO A 71 10.46 -32.30 16.88
CA PRO A 71 11.47 -32.26 15.81
C PRO A 71 12.85 -32.71 16.26
N LYS A 72 13.58 -33.36 15.37
CA LYS A 72 14.97 -33.70 15.63
C LYS A 72 15.80 -32.44 15.54
N LYS A 73 15.37 -31.54 14.65
CA LYS A 73 16.07 -30.30 14.36
C LYS A 73 15.05 -29.40 13.67
N VAL A 74 15.17 -28.08 13.83
CA VAL A 74 14.28 -27.16 13.14
C VAL A 74 15.07 -26.20 12.27
N VAL A 75 14.65 -26.06 11.02
CA VAL A 75 15.24 -25.12 10.08
C VAL A 75 14.17 -24.14 9.65
N ALA A 76 14.41 -22.85 9.84
CA ALA A 76 13.43 -21.82 9.51
C ALA A 76 13.94 -20.97 8.35
N ILE A 77 13.11 -20.83 7.32
CA ILE A 77 13.51 -20.12 6.12
C ILE A 77 12.69 -18.85 5.96
N ASN A 78 13.32 -17.68 6.06
CA ASN A 78 12.64 -16.39 5.85
C ASN A 78 12.33 -16.20 4.38
N THR A 79 11.10 -15.78 4.04
CA THR A 79 10.69 -15.59 2.65
C THR A 79 10.99 -14.20 2.11
N HIS A 80 11.04 -13.21 3.01
CA HIS A 80 11.40 -11.83 2.66
C HIS A 80 11.52 -11.04 3.96
N PHE A 81 11.84 -9.75 3.87
CA PHE A 81 12.26 -9.00 5.07
C PHE A 81 11.11 -8.48 5.92
N HIS A 82 9.89 -8.50 5.39
CA HIS A 82 8.71 -8.07 6.17
C HIS A 82 8.55 -8.95 7.41
N LEU A 83 7.75 -8.49 8.37
CA LEU A 83 7.62 -9.22 9.62
C LEU A 83 7.03 -10.62 9.44
N ASP A 84 6.14 -10.80 8.46
CA ASP A 84 5.81 -12.17 8.06
C ASP A 84 6.93 -12.65 7.16
N GLY A 85 7.98 -13.19 7.78
CA GLY A 85 9.23 -13.43 7.11
C GLY A 85 10.40 -13.39 8.09
N THR A 86 10.56 -12.27 8.80
CA THR A 86 11.67 -12.12 9.74
C THR A 86 11.22 -11.95 11.20
N GLY A 87 9.91 -11.78 11.40
CA GLY A 87 9.38 -11.53 12.73
C GLY A 87 9.54 -12.69 13.69
N GLY A 88 9.78 -13.89 13.15
CA GLY A 88 9.95 -15.05 13.99
C GLY A 88 11.38 -15.31 14.44
N ASN A 89 12.34 -14.58 13.90
CA ASN A 89 13.75 -14.96 14.10
C ASN A 89 14.21 -14.91 15.55
N GLU A 90 13.72 -13.95 16.33
CA GLU A 90 14.11 -13.86 17.73
C GLU A 90 13.79 -15.16 18.46
N ILE A 91 12.55 -15.61 18.32
CA ILE A 91 12.08 -16.79 19.02
C ILE A 91 12.59 -18.08 18.37
N TYR A 92 12.68 -18.11 17.04
CA TYR A 92 13.31 -19.27 16.38
C TYR A 92 14.70 -19.52 16.95
N LYS A 93 15.51 -18.46 17.03
CA LYS A 93 16.87 -18.58 17.57
C LYS A 93 16.87 -19.01 19.03
N LYS A 94 15.99 -18.41 19.82
CA LYS A 94 15.91 -18.73 21.24
C LYS A 94 15.59 -20.21 21.44
N MET A 95 14.76 -20.77 20.56
CA MET A 95 14.34 -22.16 20.68
C MET A 95 15.30 -23.13 19.98
N GLY A 96 16.43 -22.62 19.49
CA GLY A 96 17.47 -23.46 18.94
C GLY A 96 17.35 -23.79 17.47
N ALA A 97 16.46 -23.10 16.76
CA ALA A 97 16.29 -23.34 15.33
C ALA A 97 17.40 -22.70 14.51
N GLU A 98 17.66 -23.27 13.35
CA GLU A 98 18.64 -22.75 12.41
C GLU A 98 17.92 -21.84 11.41
N THR A 99 18.17 -20.54 11.48
CA THR A 99 17.43 -19.58 10.65
C THR A 99 18.23 -19.20 9.42
N TRP A 100 17.52 -19.11 8.28
CA TRP A 100 18.13 -18.81 6.99
C TRP A 100 17.38 -17.71 6.25
N SER A 101 18.12 -16.87 5.53
CA SER A 101 17.50 -15.95 4.57
C SER A 101 18.49 -15.59 3.48
N SER A 102 18.04 -14.91 2.44
CA SER A 102 18.99 -14.38 1.48
C SER A 102 19.80 -13.26 2.13
N ASP A 103 20.94 -12.93 1.53
CA ASP A 103 21.73 -11.81 2.00
C ASP A 103 20.95 -10.49 1.89
N LEU A 104 20.18 -10.33 0.81
CA LEU A 104 19.40 -9.11 0.63
C LEU A 104 18.34 -8.96 1.73
N THR A 105 17.66 -10.05 2.07
CA THR A 105 16.66 -10.02 3.15
C THR A 105 17.28 -9.57 4.47
N LYS A 106 18.47 -10.09 4.78
CA LYS A 106 19.17 -9.66 5.99
C LYS A 106 19.50 -8.17 5.92
N GLN A 107 20.01 -7.72 4.77
CA GLN A 107 20.35 -6.29 4.61
C GLN A 107 19.12 -5.41 4.80
N LEU A 108 18.00 -5.80 4.18
CA LEU A 108 16.79 -4.99 4.23
C LEU A 108 16.17 -4.98 5.63
N ARG A 109 16.27 -6.09 6.35
CA ARG A 109 15.78 -6.12 7.74
C ARG A 109 16.64 -5.21 8.62
N LEU A 110 17.96 -5.29 8.46
CA LEU A 110 18.84 -4.43 9.24
C LEU A 110 18.58 -2.95 8.95
N GLU A 111 18.34 -2.61 7.69
CA GLU A 111 18.03 -1.22 7.36
C GLU A 111 16.68 -0.79 7.92
N GLU A 112 15.69 -1.68 7.83
CA GLU A 112 14.37 -1.40 8.36
C GLU A 112 14.40 -1.15 9.86
N ASN A 113 15.32 -1.83 10.56
CA ASN A 113 15.46 -1.64 12.02
C ASN A 113 15.96 -0.26 12.38
N LYS A 114 16.52 0.45 11.41
CA LYS A 114 17.03 1.81 11.66
C LYS A 114 15.89 2.83 11.70
N LYS A 115 14.74 2.48 11.14
CA LYS A 115 13.59 3.39 11.13
C LYS A 115 13.01 3.58 12.52
N ASP A 116 12.42 4.74 12.76
CA ASP A 116 11.78 5.03 14.05
C ASP A 116 10.63 4.06 14.31
N ARG A 117 10.75 3.27 15.36
CA ARG A 117 9.78 2.22 15.67
C ARG A 117 8.39 2.74 16.00
N ILE A 118 8.33 3.83 16.76
CA ILE A 118 7.07 4.38 17.22
C ILE A 118 6.19 4.79 16.03
N LYS A 119 6.80 5.47 15.05
CA LYS A 119 6.08 5.86 13.84
C LYS A 119 5.58 4.64 13.07
N ALA A 120 6.41 3.61 12.99
CA ALA A 120 6.07 2.40 12.27
C ALA A 120 4.89 1.67 12.90
N ALA A 121 4.76 1.74 14.22
CA ALA A 121 3.72 1.01 14.94
C ALA A 121 2.33 1.64 14.77
N GLU A 122 2.28 2.90 14.36
CA GLU A 122 1.00 3.60 14.23
C GLU A 122 0.07 3.06 13.15
N PHE A 123 0.63 2.32 12.20
CA PHE A 123 -0.19 1.79 11.11
C PHE A 123 -0.89 0.50 11.49
N TYR A 124 -0.85 0.17 12.78
CA TYR A 124 -1.48 -1.06 13.26
C TYR A 124 -2.88 -0.78 13.82
N LYS A 125 -3.71 -1.82 13.79
CA LYS A 125 -5.14 -1.71 14.03
C LYS A 125 -5.51 -1.12 15.40
N ASN A 126 -5.05 -1.78 16.46
CA ASN A 126 -5.38 -1.35 17.81
C ASN A 126 -4.17 -1.25 18.74
N GLU A 127 -4.40 -0.78 19.96
CA GLU A 127 -3.33 -0.57 20.93
C GLU A 127 -2.67 -1.88 21.36
N ASP A 128 -3.46 -2.94 21.48
CA ASP A 128 -2.91 -4.22 21.91
C ASP A 128 -1.88 -4.75 20.90
N LEU A 129 -2.18 -4.62 19.61
CA LEU A 129 -1.25 -5.05 18.57
C LEU A 129 0.00 -4.16 18.52
N LYS A 130 -0.19 -2.86 18.70
CA LYS A 130 0.93 -1.92 18.73
C LYS A 130 1.91 -2.28 19.84
N ARG A 131 1.37 -2.56 21.02
CA ARG A 131 2.19 -2.93 22.17
C ARG A 131 2.96 -4.23 21.91
N ARG A 132 2.33 -5.19 21.26
CA ARG A 132 3.03 -6.44 20.94
C ARG A 132 4.16 -6.20 19.95
N ILE A 133 3.91 -5.35 18.94
CA ILE A 133 4.95 -5.06 17.95
C ILE A 133 6.13 -4.38 18.63
N LEU A 134 5.85 -3.47 19.55
CA LEU A 134 6.92 -2.72 20.22
C LEU A 134 7.68 -3.57 21.24
N SER A 135 7.09 -4.70 21.63
CA SER A 135 7.71 -5.63 22.57
C SER A 135 8.59 -6.67 21.87
N SER A 136 8.57 -6.69 20.54
CA SER A 136 9.47 -7.53 19.77
C SER A 136 10.47 -6.66 19.02
N HIS A 137 11.66 -7.19 18.74
CA HIS A 137 12.72 -6.39 18.16
C HIS A 137 13.35 -7.23 17.06
N PRO A 138 12.80 -7.16 15.85
CA PRO A 138 13.15 -8.14 14.82
C PRO A 138 14.64 -8.17 14.47
N VAL A 139 15.14 -9.38 14.21
CA VAL A 139 16.54 -9.58 13.86
C VAL A 139 16.61 -10.37 12.56
N PRO A 140 17.72 -10.25 11.84
CA PRO A 140 17.87 -11.09 10.65
C PRO A 140 18.23 -12.53 11.00
N ALA A 141 18.18 -13.40 9.99
CA ALA A 141 18.58 -14.79 10.13
C ALA A 141 20.06 -14.93 10.47
N ASP A 142 20.42 -16.04 11.10
CA ASP A 142 21.82 -16.34 11.44
C ASP A 142 22.66 -16.81 10.25
N ASN A 143 21.98 -17.34 9.23
CA ASN A 143 22.66 -17.91 8.07
C ASN A 143 22.13 -17.30 6.77
N VAL A 144 23.03 -16.94 5.84
CA VAL A 144 22.55 -16.33 4.62
C VAL A 144 23.09 -17.03 3.38
N PHE A 145 22.34 -16.92 2.29
CA PHE A 145 22.76 -17.38 0.97
C PHE A 145 22.68 -16.20 0.00
N ASP A 146 23.46 -16.25 -1.08
CA ASP A 146 23.37 -15.20 -2.09
C ASP A 146 22.03 -15.28 -2.77
N LEU A 147 21.27 -14.18 -2.77
CA LEU A 147 19.90 -14.18 -3.28
C LEU A 147 19.71 -14.88 -4.62
N LYS A 148 20.47 -14.49 -5.62
CA LYS A 148 20.26 -15.02 -6.97
C LYS A 148 20.76 -16.47 -7.14
N GLN A 149 21.59 -16.94 -6.22
CA GLN A 149 22.04 -18.33 -6.25
C GLN A 149 21.02 -19.27 -5.62
N GLY A 150 20.22 -18.76 -4.69
CA GLY A 150 19.30 -19.58 -3.94
C GLY A 150 20.01 -20.52 -2.99
N LYS A 151 19.28 -21.52 -2.50
CA LYS A 151 19.80 -22.47 -1.53
C LYS A 151 19.01 -23.76 -1.62
N VAL A 152 19.72 -24.89 -1.65
CA VAL A 152 19.06 -26.18 -1.60
C VAL A 152 19.49 -26.95 -0.37
N PHE A 153 18.51 -27.35 0.45
CA PHE A 153 18.76 -28.25 1.57
C PHE A 153 18.52 -29.68 1.14
N SER A 154 19.27 -30.60 1.73
CA SER A 154 19.02 -32.01 1.52
C SER A 154 18.94 -32.68 2.90
N PHE A 155 17.73 -33.08 3.27
CA PHE A 155 17.52 -33.74 4.56
C PHE A 155 17.35 -35.23 4.33
N SER A 156 18.46 -35.96 4.46
CA SER A 156 18.51 -37.38 4.11
C SER A 156 17.94 -37.62 2.71
N ASN A 157 18.43 -36.83 1.75
CA ASN A 157 18.08 -36.93 0.33
C ASN A 157 16.70 -36.38 -0.02
N GLU A 158 15.99 -35.83 0.96
CA GLU A 158 14.76 -35.11 0.68
C GLU A 158 15.07 -33.63 0.50
N LEU A 159 14.84 -33.11 -0.71
CA LEU A 159 15.26 -31.74 -1.01
C LEU A 159 14.25 -30.67 -0.60
N VAL A 160 14.77 -29.51 -0.22
CA VAL A 160 13.97 -28.32 -0.05
C VAL A 160 14.67 -27.21 -0.81
N GLU A 161 14.02 -26.65 -1.83
CA GLU A 161 14.70 -25.72 -2.73
C GLU A 161 14.20 -24.30 -2.51
N VAL A 162 15.12 -23.38 -2.22
CA VAL A 162 14.80 -21.97 -2.05
C VAL A 162 15.31 -21.22 -3.26
N SER A 163 14.47 -20.43 -3.92
CA SER A 163 14.91 -19.73 -5.12
C SER A 163 14.27 -18.34 -5.26
N PHE A 164 14.97 -17.45 -5.97
CA PHE A 164 14.52 -16.09 -6.25
C PHE A 164 14.02 -16.01 -7.67
N PRO A 165 12.70 -15.81 -7.85
CA PRO A 165 12.14 -15.80 -9.21
C PRO A 165 12.18 -14.41 -9.87
N GLY A 166 12.69 -13.44 -9.14
CA GLY A 166 12.65 -12.06 -9.59
C GLY A 166 11.82 -11.21 -8.64
N PRO A 167 12.02 -9.89 -8.71
CA PRO A 167 11.27 -9.00 -7.80
C PRO A 167 9.78 -9.01 -8.15
N ALA A 168 8.95 -8.86 -7.13
CA ALA A 168 7.51 -8.90 -7.34
C ALA A 168 6.85 -8.17 -6.19
N HIS A 169 6.41 -8.90 -5.17
CA HIS A 169 5.92 -8.28 -3.96
C HIS A 169 7.01 -7.45 -3.25
N SER A 170 8.24 -7.96 -3.25
CA SER A 170 9.38 -7.23 -2.67
C SER A 170 10.63 -7.57 -3.47
N PRO A 171 11.73 -6.79 -3.29
CA PRO A 171 12.93 -7.04 -4.11
C PRO A 171 13.60 -8.36 -3.78
N ASP A 172 13.27 -8.90 -2.60
CA ASP A 172 13.97 -10.04 -2.04
C ASP A 172 13.08 -11.29 -1.92
N ASN A 173 11.86 -11.26 -2.46
CA ASN A 173 10.96 -12.40 -2.19
C ASN A 173 11.48 -13.70 -2.79
N VAL A 174 11.52 -14.74 -1.97
CA VAL A 174 11.90 -16.07 -2.45
C VAL A 174 10.77 -17.07 -2.25
N VAL A 175 10.82 -18.16 -3.00
CA VAL A 175 9.83 -19.22 -2.85
C VAL A 175 10.54 -20.48 -2.38
N VAL A 176 9.79 -21.40 -1.77
CA VAL A 176 10.35 -22.62 -1.22
C VAL A 176 9.59 -23.82 -1.78
N TYR A 177 10.30 -24.72 -2.44
CA TYR A 177 9.66 -25.87 -3.09
C TYR A 177 10.10 -27.18 -2.47
N PHE A 178 9.13 -28.07 -2.25
CA PHE A 178 9.38 -29.39 -1.69
C PHE A 178 9.03 -30.43 -2.75
N PRO A 179 10.05 -30.95 -3.49
CA PRO A 179 9.71 -31.83 -4.62
C PRO A 179 8.95 -33.10 -4.25
N LYS A 180 9.31 -33.73 -3.15
CA LYS A 180 8.68 -35.00 -2.77
C LYS A 180 7.21 -34.79 -2.43
N LYS A 181 6.90 -33.70 -1.75
CA LYS A 181 5.52 -33.42 -1.35
C LYS A 181 4.75 -32.61 -2.40
N LYS A 182 5.44 -32.21 -3.48
CA LYS A 182 4.85 -31.36 -4.53
C LYS A 182 4.19 -30.10 -3.96
N LEU A 183 4.94 -29.42 -3.10
CA LEU A 183 4.44 -28.31 -2.31
C LEU A 183 5.24 -27.05 -2.64
N LEU A 184 4.57 -25.96 -3.04
CA LEU A 184 5.26 -24.71 -3.30
C LEU A 184 4.77 -23.64 -2.34
N PHE A 185 5.66 -23.13 -1.50
CA PHE A 185 5.31 -21.95 -0.71
C PHE A 185 5.70 -20.72 -1.52
N GLY A 186 4.72 -20.09 -2.14
CA GLY A 186 4.97 -18.95 -3.00
C GLY A 186 5.04 -17.64 -2.23
N GLY A 187 4.50 -17.63 -1.01
CA GLY A 187 4.60 -16.44 -0.19
C GLY A 187 3.81 -15.27 -0.76
N CYS A 188 4.27 -14.06 -0.48
CA CYS A 188 3.44 -12.90 -0.72
C CYS A 188 3.47 -12.38 -2.17
N MET A 189 4.23 -13.06 -3.03
CA MET A 189 4.11 -12.76 -4.47
C MET A 189 2.97 -13.56 -5.11
N ILE A 190 2.34 -14.45 -4.35
CA ILE A 190 1.12 -15.14 -4.82
C ILE A 190 -0.07 -14.29 -4.40
N LYS A 191 -0.73 -13.72 -5.40
CA LYS A 191 -1.83 -12.77 -5.20
C LYS A 191 -2.90 -13.02 -6.25
N PRO A 192 -3.81 -13.97 -5.99
CA PRO A 192 -4.77 -14.42 -7.01
C PRO A 192 -5.95 -13.47 -7.23
N LYS A 193 -6.12 -12.45 -6.40
CA LYS A 193 -7.25 -11.53 -6.57
C LYS A 193 -6.82 -10.07 -6.72
N GLU A 194 -5.93 -9.61 -5.84
CA GLU A 194 -5.45 -8.23 -5.84
C GLU A 194 -4.04 -8.21 -5.23
N LEU A 195 -3.20 -7.30 -5.71
CA LEU A 195 -1.78 -7.31 -5.35
C LEU A 195 -1.46 -6.93 -3.91
N GLY A 196 -2.35 -6.19 -3.24
CA GLY A 196 -2.10 -5.84 -1.85
C GLY A 196 -1.12 -4.69 -1.66
N TYR A 197 -0.33 -4.77 -0.60
CA TYR A 197 0.58 -3.69 -0.21
C TYR A 197 1.65 -3.47 -1.28
N LEU A 198 1.70 -2.28 -1.88
CA LEU A 198 2.59 -2.07 -3.01
C LEU A 198 3.91 -1.38 -2.69
N GLY A 199 4.13 -1.06 -1.42
CA GLY A 199 5.27 -0.26 -1.03
C GLY A 199 6.63 -0.73 -1.51
N ASP A 200 6.88 -2.03 -1.42
CA ASP A 200 8.18 -2.57 -1.82
C ASP A 200 8.12 -3.35 -3.15
N ALA A 201 7.01 -3.19 -3.87
CA ALA A 201 6.73 -4.01 -5.03
C ALA A 201 7.37 -3.51 -6.32
N ASN A 202 7.60 -4.46 -7.22
CA ASN A 202 7.99 -4.16 -8.60
C ASN A 202 6.88 -4.69 -9.50
N VAL A 203 5.82 -3.89 -9.67
CA VAL A 203 4.64 -4.39 -10.37
C VAL A 203 4.94 -4.73 -11.83
N LYS A 204 5.81 -3.93 -12.47
CA LYS A 204 6.19 -4.20 -13.85
C LYS A 204 6.87 -5.56 -14.02
N ALA A 205 7.70 -5.94 -13.04
CA ALA A 205 8.43 -7.20 -13.10
C ALA A 205 7.59 -8.39 -12.68
N TRP A 206 6.51 -8.12 -11.94
CA TRP A 206 5.75 -9.16 -11.27
C TRP A 206 5.19 -10.23 -12.24
N PRO A 207 4.64 -9.83 -13.42
CA PRO A 207 4.16 -10.90 -14.29
C PRO A 207 5.24 -11.93 -14.69
N ASP A 208 6.42 -11.48 -15.13
CA ASP A 208 7.45 -12.46 -15.50
C ASP A 208 8.01 -13.22 -14.28
N SER A 209 8.08 -12.55 -13.13
CA SER A 209 8.53 -13.25 -11.93
C SER A 209 7.55 -14.37 -11.59
N ALA A 210 6.25 -14.09 -11.70
CA ALA A 210 5.27 -15.13 -11.43
C ALA A 210 5.30 -16.23 -12.51
N ARG A 211 5.60 -15.86 -13.75
CA ARG A 211 5.71 -16.85 -14.83
C ARG A 211 6.79 -17.90 -14.51
N ARG A 212 7.81 -17.49 -13.76
CA ARG A 212 8.85 -18.44 -13.36
C ARG A 212 8.36 -19.47 -12.36
N LEU A 213 7.17 -19.27 -11.80
CA LEU A 213 6.65 -20.25 -10.86
C LEU A 213 5.88 -21.39 -11.56
N LYS A 214 5.61 -21.23 -12.85
CA LYS A 214 4.88 -22.26 -13.58
C LYS A 214 5.65 -23.58 -13.71
N LYS A 215 6.98 -23.50 -13.67
CA LYS A 215 7.80 -24.71 -13.82
C LYS A 215 7.60 -25.76 -12.74
N PHE A 216 7.20 -25.35 -11.54
CA PHE A 216 7.12 -26.29 -10.43
C PHE A 216 5.96 -27.26 -10.60
N ASP A 217 6.25 -28.54 -10.41
CA ASP A 217 5.25 -29.58 -10.41
C ASP A 217 4.56 -29.59 -9.04
N ALA A 218 3.74 -28.57 -8.80
CA ALA A 218 3.11 -28.40 -7.49
C ALA A 218 1.65 -28.86 -7.47
N LYS A 219 1.29 -29.63 -6.45
CA LYS A 219 -0.13 -29.94 -6.21
C LYS A 219 -0.75 -28.87 -5.33
N ILE A 220 0.05 -28.30 -4.44
CA ILE A 220 -0.41 -27.27 -3.52
C ILE A 220 0.48 -26.04 -3.61
N VAL A 221 -0.13 -24.87 -3.73
CA VAL A 221 0.59 -23.60 -3.70
C VAL A 221 0.08 -22.80 -2.51
N ILE A 222 0.98 -22.44 -1.60
CA ILE A 222 0.60 -21.69 -0.39
C ILE A 222 1.01 -20.24 -0.54
N PRO A 223 0.04 -19.32 -0.44
CA PRO A 223 0.34 -17.89 -0.52
C PRO A 223 0.73 -17.34 0.85
N GLY A 224 1.28 -16.13 0.88
CA GLY A 224 1.64 -15.52 2.16
C GLY A 224 0.42 -15.17 3.00
N HIS A 225 -0.71 -14.91 2.35
CA HIS A 225 -1.95 -14.54 3.04
C HIS A 225 -3.15 -15.20 2.33
N GLY A 226 -4.11 -15.68 3.10
CA GLY A 226 -5.33 -16.22 2.53
C GLY A 226 -5.29 -17.72 2.27
N GLU A 227 -6.35 -18.24 1.64
CA GLU A 227 -6.46 -19.68 1.43
C GLU A 227 -5.47 -20.19 0.40
N TRP A 228 -4.94 -21.37 0.64
CA TRP A 228 -4.03 -21.97 -0.34
C TRP A 228 -4.86 -22.62 -1.44
N GLY A 229 -4.18 -23.06 -2.50
CA GLY A 229 -4.88 -23.64 -3.63
C GLY A 229 -3.94 -24.53 -4.41
N GLY A 230 -4.25 -24.74 -5.69
CA GLY A 230 -3.42 -25.55 -6.56
C GLY A 230 -2.58 -24.69 -7.49
N PRO A 231 -2.04 -25.30 -8.55
CA PRO A 231 -1.13 -24.56 -9.44
C PRO A 231 -1.82 -23.37 -10.12
N GLU A 232 -3.15 -23.37 -10.14
CA GLU A 232 -3.90 -22.26 -10.74
C GLU A 232 -3.67 -20.94 -9.99
N MET A 233 -3.20 -21.02 -8.75
CA MET A 233 -2.85 -19.81 -8.00
C MET A 233 -1.83 -18.96 -8.74
N VAL A 234 -0.93 -19.62 -9.48
CA VAL A 234 0.09 -18.90 -10.24
C VAL A 234 -0.54 -18.23 -11.45
N ASN A 235 -1.36 -18.97 -12.19
CA ASN A 235 -2.05 -18.42 -13.35
C ASN A 235 -2.84 -17.16 -12.97
N LYS A 236 -3.55 -17.23 -11.85
CA LYS A 236 -4.36 -16.10 -11.40
C LYS A 236 -3.50 -14.89 -11.04
N THR A 237 -2.36 -15.14 -10.40
CA THR A 237 -1.44 -14.07 -10.03
C THR A 237 -0.92 -13.32 -11.25
N ILE A 238 -0.55 -14.08 -12.28
CA ILE A 238 -0.05 -13.47 -13.50
C ILE A 238 -1.09 -12.52 -14.08
N LYS A 239 -2.35 -12.95 -14.10
CA LYS A 239 -3.42 -12.12 -14.66
C LYS A 239 -3.65 -10.86 -13.82
N VAL A 240 -3.64 -11.02 -12.50
CA VAL A 240 -3.79 -9.88 -11.59
C VAL A 240 -2.66 -8.87 -11.80
N ALA A 241 -1.43 -9.36 -11.87
CA ALA A 241 -0.28 -8.47 -12.09
C ALA A 241 -0.34 -7.77 -13.46
N GLU A 242 -0.69 -8.53 -14.49
N GLU A 242 -0.67 -8.52 -14.51
CA GLU A 242 -0.78 -7.97 -15.84
CA GLU A 242 -0.70 -7.89 -15.83
C GLU A 242 -1.82 -6.88 -15.91
C GLU A 242 -1.83 -6.87 -15.94
N LYS A 243 -2.93 -7.09 -15.21
CA LYS A 243 -4.03 -6.12 -15.18
C LYS A 243 -3.54 -4.80 -14.58
N ALA A 244 -2.79 -4.89 -13.49
CA ALA A 244 -2.22 -3.71 -12.83
C ALA A 244 -1.23 -2.99 -13.75
N VAL A 245 -0.38 -3.76 -14.45
CA VAL A 245 0.57 -3.16 -15.39
C VAL A 245 -0.14 -2.41 -16.50
N GLY A 246 -1.23 -2.99 -16.99
CA GLY A 246 -2.02 -2.37 -18.06
C GLY A 246 -2.65 -1.05 -17.62
N GLU A 247 -3.17 -1.05 -16.40
CA GLU A 247 -3.83 0.11 -15.82
C GLU A 247 -2.84 1.25 -15.63
N MET A 248 -1.56 0.87 -15.60
CA MET A 248 -0.44 1.74 -15.30
C MET A 248 0.02 2.60 -16.47
N ARG A 249 -0.45 2.30 -17.67
CA ARG A 249 -0.14 3.11 -18.86
C ARG A 249 -1.36 3.21 -19.77
N SER B 4 0.55 36.60 5.19
CA SER B 4 1.15 35.39 4.66
C SER B 4 0.81 34.18 5.53
N SER B 5 0.47 34.45 6.79
CA SER B 5 -0.03 33.40 7.69
C SER B 5 -1.54 33.50 7.81
N ASP B 6 -2.08 34.62 7.34
CA ASP B 6 -3.50 34.91 7.41
C ASP B 6 -4.33 33.80 6.76
N HIS B 7 -5.32 33.33 7.50
CA HIS B 7 -6.22 32.32 6.98
C HIS B 7 -7.53 32.50 7.72
N VAL B 8 -8.61 31.97 7.16
CA VAL B 8 -9.91 31.99 7.82
C VAL B 8 -10.28 30.63 8.40
N ASP B 9 -10.79 30.61 9.63
CA ASP B 9 -11.26 29.36 10.23
C ASP B 9 -12.69 29.04 9.84
N LEU B 10 -12.88 27.80 9.39
CA LEU B 10 -14.20 27.27 9.07
C LEU B 10 -14.58 26.19 10.08
N PRO B 11 -15.86 25.80 10.11
CA PRO B 11 -16.26 24.67 10.96
C PRO B 11 -15.49 23.37 10.66
N TYR B 12 -15.49 22.45 11.61
CA TYR B 12 -14.83 21.15 11.48
C TYR B 12 -13.34 21.27 11.15
N ASN B 13 -12.72 22.30 11.70
CA ASN B 13 -11.27 22.46 11.62
C ASN B 13 -10.78 22.53 10.18
N LEU B 14 -11.57 23.15 9.31
CA LEU B 14 -11.12 23.52 7.98
C LEU B 14 -10.57 24.94 8.04
N THR B 15 -9.58 25.22 7.20
CA THR B 15 -9.07 26.58 7.07
C THR B 15 -9.03 26.95 5.59
N ALA B 16 -9.22 28.24 5.31
CA ALA B 16 -9.16 28.72 3.92
C ALA B 16 -8.10 29.81 3.82
N THR B 17 -7.20 29.64 2.85
CA THR B 17 -6.10 30.57 2.65
C THR B 17 -6.10 31.07 1.21
N LYS B 18 -5.99 32.38 1.03
CA LYS B 18 -5.94 32.98 -0.30
C LYS B 18 -4.51 32.92 -0.84
N ILE B 19 -4.31 32.36 -2.03
CA ILE B 19 -2.95 32.30 -2.55
C ILE B 19 -2.80 33.15 -3.80
N ASP B 20 -3.93 33.66 -4.27
CA ASP B 20 -3.96 34.49 -5.47
C ASP B 20 -5.35 35.10 -5.56
N SER B 21 -5.51 36.09 -6.43
CA SER B 21 -6.86 36.52 -6.76
C SER B 21 -7.56 35.29 -7.34
N ASP B 22 -8.77 35.01 -6.84
CA ASP B 22 -9.62 33.91 -7.31
C ASP B 22 -9.06 32.51 -7.08
N VAL B 23 -8.08 32.38 -6.21
CA VAL B 23 -7.49 31.06 -5.95
C VAL B 23 -7.25 30.88 -4.45
N PHE B 24 -7.86 29.84 -3.88
CA PHE B 24 -7.75 29.55 -2.44
C PHE B 24 -7.33 28.11 -2.21
N VAL B 25 -6.64 27.86 -1.10
CA VAL B 25 -6.46 26.47 -0.66
C VAL B 25 -7.26 26.27 0.62
N VAL B 26 -8.15 25.29 0.60
CA VAL B 26 -8.90 24.92 1.80
C VAL B 26 -8.32 23.62 2.36
N THR B 27 -8.01 23.62 3.65
CA THR B 27 -7.31 22.49 4.24
C THR B 27 -8.14 21.83 5.35
N ASP B 28 -8.30 20.51 5.24
CA ASP B 28 -9.00 19.71 6.25
C ASP B 28 -8.00 19.32 7.34
N ARG B 29 -7.94 20.09 8.43
CA ARG B 29 -6.92 19.85 9.44
C ARG B 29 -7.30 18.76 10.44
N ASP B 30 -8.55 18.29 10.42
CA ASP B 30 -8.91 17.12 11.21
C ASP B 30 -8.42 15.84 10.54
N PHE B 31 -8.42 15.82 9.21
CA PHE B 31 -8.02 14.62 8.47
C PHE B 31 -6.74 14.89 7.67
N TYR B 32 -5.62 14.86 8.40
CA TYR B 32 -4.27 14.85 7.84
C TYR B 32 -3.86 16.10 7.05
N SER B 33 -4.49 17.24 7.35
CA SER B 33 -4.15 18.51 6.67
C SER B 33 -4.23 18.34 5.15
N SER B 34 -5.33 17.74 4.69
CA SER B 34 -5.55 17.50 3.27
C SER B 34 -5.95 18.79 2.57
N ASN B 35 -5.25 19.11 1.49
CA ASN B 35 -5.46 20.36 0.75
C ASN B 35 -6.46 20.22 -0.39
N VAL B 36 -7.33 21.22 -0.52
CA VAL B 36 -8.31 21.28 -1.59
C VAL B 36 -8.15 22.61 -2.31
N LEU B 37 -7.95 22.57 -3.64
CA LEU B 37 -7.78 23.82 -4.37
C LEU B 37 -9.15 24.32 -4.81
N VAL B 38 -9.41 25.61 -4.63
CA VAL B 38 -10.66 26.21 -5.09
C VAL B 38 -10.32 27.40 -5.95
N ALA B 39 -10.67 27.32 -7.23
CA ALA B 39 -10.28 28.36 -8.19
C ALA B 39 -11.49 28.89 -8.93
N LYS B 40 -11.70 30.20 -8.88
CA LYS B 40 -12.82 30.80 -9.60
C LYS B 40 -12.40 31.27 -10.99
N MET B 41 -13.06 30.73 -12.01
CA MET B 41 -12.76 31.11 -13.38
C MET B 41 -13.35 32.48 -13.66
N LEU B 42 -12.84 33.15 -14.68
CA LEU B 42 -13.33 34.48 -15.03
C LEU B 42 -14.82 34.45 -15.40
N ASP B 43 -15.31 33.32 -15.91
CA ASP B 43 -16.71 33.29 -16.33
C ASP B 43 -17.67 32.86 -15.22
N GLY B 44 -17.15 32.72 -13.99
CA GLY B 44 -17.99 32.45 -12.84
C GLY B 44 -18.01 30.99 -12.42
N THR B 45 -17.44 30.13 -13.25
CA THR B 45 -17.28 28.73 -12.87
C THR B 45 -16.26 28.60 -11.75
N VAL B 46 -16.58 27.79 -10.74
CA VAL B 46 -15.63 27.48 -9.70
C VAL B 46 -15.15 26.04 -9.87
N VAL B 47 -13.84 25.87 -9.89
CA VAL B 47 -13.21 24.56 -10.01
C VAL B 47 -12.64 24.13 -8.68
N ILE B 48 -13.01 22.93 -8.24
CA ILE B 48 -12.53 22.37 -6.98
C ILE B 48 -11.68 21.15 -7.27
N VAL B 49 -10.45 21.12 -6.74
CA VAL B 49 -9.57 20.00 -6.98
C VAL B 49 -9.32 19.25 -5.67
N SER B 50 -9.58 17.94 -5.70
CA SER B 50 -9.53 17.04 -4.53
C SER B 50 -10.73 17.30 -3.61
N SER B 51 -10.61 16.86 -2.35
CA SER B 51 -11.74 16.96 -1.41
C SER B 51 -11.29 16.79 0.02
N PRO B 52 -12.10 17.27 0.99
CA PRO B 52 -11.96 16.81 2.36
C PRO B 52 -12.31 15.31 2.44
N PHE B 53 -12.04 14.69 3.58
CA PHE B 53 -12.25 13.23 3.70
C PHE B 53 -13.71 12.79 3.67
N GLU B 54 -14.60 13.59 4.24
CA GLU B 54 -15.98 13.11 4.42
C GLU B 54 -17.03 14.23 4.38
N ASN B 55 -18.28 13.88 4.70
CA ASN B 55 -19.40 14.77 4.38
C ASN B 55 -19.48 16.05 5.19
N LEU B 56 -19.09 16.02 6.46
CA LEU B 56 -19.14 17.25 7.27
C LEU B 56 -18.12 18.27 6.76
N GLY B 57 -16.90 17.82 6.47
CA GLY B 57 -15.89 18.69 5.90
C GLY B 57 -16.30 19.21 4.53
N THR B 58 -16.87 18.34 3.71
CA THR B 58 -17.21 18.76 2.34
C THR B 58 -18.39 19.74 2.36
N GLN B 59 -19.37 19.50 3.23
CA GLN B 59 -20.47 20.44 3.36
C GLN B 59 -19.94 21.81 3.81
N THR B 60 -19.01 21.80 4.75
CA THR B 60 -18.41 23.04 5.25
C THR B 60 -17.76 23.79 4.09
N LEU B 61 -16.96 23.08 3.31
CA LEU B 61 -16.31 23.64 2.13
C LEU B 61 -17.34 24.24 1.16
N MET B 62 -18.39 23.48 0.84
CA MET B 62 -19.34 23.95 -0.17
C MET B 62 -20.16 25.15 0.32
N ASP B 63 -20.45 25.18 1.62
CA ASP B 63 -21.15 26.32 2.20
C ASP B 63 -20.29 27.58 2.05
N TRP B 64 -18.99 27.43 2.31
CA TRP B 64 -18.06 28.55 2.17
C TRP B 64 -17.91 28.98 0.70
N VAL B 65 -17.86 28.00 -0.21
CA VAL B 65 -17.79 28.33 -1.64
C VAL B 65 -19.02 29.14 -2.06
N ALA B 66 -20.20 28.69 -1.65
CA ALA B 66 -21.44 29.37 -2.01
C ALA B 66 -21.44 30.80 -1.49
N LYS B 67 -21.05 30.97 -0.23
CA LYS B 67 -21.10 32.27 0.42
C LYS B 67 -20.11 33.26 -0.18
N THR B 68 -18.90 32.81 -0.46
CA THR B 68 -17.81 33.71 -0.82
C THR B 68 -17.59 33.84 -2.31
N MET B 69 -18.06 32.87 -3.10
CA MET B 69 -17.79 32.89 -4.55
C MET B 69 -19.01 32.97 -5.44
N LYS B 70 -20.19 32.65 -4.88
CA LYS B 70 -21.43 32.66 -5.64
C LYS B 70 -21.28 32.05 -7.04
N PRO B 71 -20.88 30.78 -7.10
CA PRO B 71 -20.55 30.21 -8.41
C PRO B 71 -21.74 30.09 -9.35
N LYS B 72 -21.49 30.29 -10.64
CA LYS B 72 -22.50 30.00 -11.65
C LYS B 72 -22.62 28.49 -11.85
N LYS B 73 -21.51 27.80 -11.64
CA LYS B 73 -21.43 26.36 -11.81
C LYS B 73 -20.21 25.87 -11.03
N VAL B 74 -20.26 24.64 -10.51
CA VAL B 74 -19.10 24.05 -9.82
C VAL B 74 -18.70 22.75 -10.50
N VAL B 75 -17.40 22.63 -10.78
CA VAL B 75 -16.82 21.43 -11.37
C VAL B 75 -15.77 20.91 -10.39
N ALA B 76 -15.92 19.66 -9.96
CA ALA B 76 -15.01 19.07 -8.99
C ALA B 76 -14.19 17.97 -9.65
N ILE B 77 -12.87 18.03 -9.46
CA ILE B 77 -11.96 17.08 -10.10
C ILE B 77 -11.25 16.22 -9.06
N ASN B 78 -11.55 14.91 -9.05
CA ASN B 78 -10.89 13.99 -8.11
C ASN B 78 -9.45 13.73 -8.56
N THR B 79 -8.47 13.82 -7.64
CA THR B 79 -7.06 13.60 -7.99
C THR B 79 -6.62 12.15 -7.89
N HIS B 80 -7.28 11.37 -7.05
CA HIS B 80 -7.03 9.93 -6.93
C HIS B 80 -8.10 9.31 -6.04
N PHE B 81 -8.06 7.99 -5.83
CA PHE B 81 -9.22 7.31 -5.25
C PHE B 81 -9.32 7.40 -3.72
N HIS B 82 -8.25 7.85 -3.06
CA HIS B 82 -8.30 8.02 -1.60
C HIS B 82 -9.36 9.04 -1.19
N LEU B 83 -9.72 9.05 0.10
CA LEU B 83 -10.81 9.93 0.53
C LEU B 83 -10.48 11.42 0.34
N ASP B 84 -9.21 11.80 0.45
CA ASP B 84 -8.83 13.13 -0.03
C ASP B 84 -8.69 13.03 -1.56
N GLY B 85 -9.83 13.16 -2.23
CA GLY B 85 -9.91 12.84 -3.65
C GLY B 85 -11.34 12.48 -4.02
N THR B 86 -11.91 11.49 -3.34
CA THR B 86 -13.27 11.03 -3.63
C THR B 86 -14.25 11.22 -2.46
N GLY B 87 -13.74 11.60 -1.28
CA GLY B 87 -14.56 11.76 -0.09
C GLY B 87 -15.57 12.88 -0.19
N GLY B 88 -15.36 13.81 -1.13
CA GLY B 88 -16.28 14.92 -1.30
C GLY B 88 -17.42 14.63 -2.27
N ASN B 89 -17.35 13.51 -2.98
CA ASN B 89 -18.29 13.32 -4.09
C ASN B 89 -19.77 13.25 -3.68
N GLU B 90 -20.08 12.63 -2.54
CA GLU B 90 -21.49 12.58 -2.08
C GLU B 90 -22.08 13.97 -1.95
N ILE B 91 -21.35 14.84 -1.23
CA ILE B 91 -21.85 16.17 -0.97
C ILE B 91 -21.69 17.07 -2.21
N TYR B 92 -20.60 16.92 -2.97
CA TYR B 92 -20.50 17.65 -4.24
C TYR B 92 -21.74 17.40 -5.11
N LYS B 93 -22.10 16.13 -5.26
CA LYS B 93 -23.26 15.74 -6.08
C LYS B 93 -24.55 16.33 -5.50
N LYS B 94 -24.71 16.23 -4.18
CA LYS B 94 -25.89 16.79 -3.53
C LYS B 94 -26.07 18.28 -3.80
N MET B 95 -24.96 19.01 -3.84
N MET B 95 -24.97 19.01 -3.89
CA MET B 95 -24.99 20.45 -4.01
CA MET B 95 -25.07 20.44 -4.04
C MET B 95 -25.01 20.88 -5.48
C MET B 95 -24.86 20.85 -5.49
N GLY B 96 -25.12 19.92 -6.39
CA GLY B 96 -25.26 20.20 -7.80
C GLY B 96 -23.97 20.36 -8.58
N ALA B 97 -22.84 20.01 -7.97
CA ALA B 97 -21.56 20.11 -8.68
C ALA B 97 -21.41 18.97 -9.66
N GLU B 98 -20.65 19.23 -10.72
CA GLU B 98 -20.36 18.22 -11.73
C GLU B 98 -19.04 17.55 -11.37
N THR B 99 -19.07 16.28 -10.98
CA THR B 99 -17.87 15.61 -10.50
C THR B 99 -17.18 14.78 -11.59
N TRP B 100 -15.84 14.84 -11.62
CA TRP B 100 -15.03 14.17 -12.62
C TRP B 100 -13.88 13.38 -12.00
N SER B 101 -13.54 12.24 -12.60
CA SER B 101 -12.29 11.54 -12.26
C SER B 101 -11.84 10.70 -13.44
N SER B 102 -10.63 10.15 -13.36
CA SER B 102 -10.23 9.16 -14.37
C SER B 102 -11.07 7.90 -14.20
N ASP B 103 -11.11 7.08 -15.25
CA ASP B 103 -11.81 5.81 -15.17
C ASP B 103 -11.17 4.91 -14.11
N LEU B 104 -9.84 4.93 -14.00
CA LEU B 104 -9.17 4.08 -13.00
C LEU B 104 -9.54 4.52 -11.57
N THR B 105 -9.59 5.82 -11.33
CA THR B 105 -9.96 6.32 -10.02
C THR B 105 -11.36 5.85 -9.64
N LYS B 106 -12.30 5.89 -10.58
CA LYS B 106 -13.64 5.37 -10.28
C LYS B 106 -13.59 3.88 -9.96
N GLN B 107 -12.84 3.13 -10.76
CA GLN B 107 -12.71 1.68 -10.55
C GLN B 107 -12.12 1.37 -9.17
N LEU B 108 -11.06 2.08 -8.79
CA LEU B 108 -10.40 1.80 -7.51
C LEU B 108 -11.28 2.21 -6.32
N ARG B 109 -12.06 3.28 -6.47
CA ARG B 109 -12.98 3.67 -5.42
C ARG B 109 -14.08 2.60 -5.27
N LEU B 110 -14.62 2.12 -6.37
CA LEU B 110 -15.62 1.06 -6.31
C LEU B 110 -15.05 -0.21 -5.66
N GLU B 111 -13.80 -0.54 -5.97
CA GLU B 111 -13.15 -1.70 -5.36
C GLU B 111 -12.94 -1.50 -3.86
N GLU B 112 -12.49 -0.31 -3.49
CA GLU B 112 -12.27 0.03 -2.09
C GLU B 112 -13.56 -0.04 -1.29
N ASN B 113 -14.67 0.33 -1.91
CA ASN B 113 -15.96 0.30 -1.23
C ASN B 113 -16.43 -1.12 -0.87
N LYS B 114 -15.84 -2.13 -1.50
CA LYS B 114 -16.21 -3.52 -1.21
C LYS B 114 -15.59 -4.02 0.10
N LYS B 115 -14.57 -3.32 0.56
CA LYS B 115 -13.88 -3.70 1.80
C LYS B 115 -14.78 -3.46 3.01
N ASP B 116 -14.58 -4.25 4.06
CA ASP B 116 -15.36 -4.12 5.29
C ASP B 116 -15.18 -2.75 5.92
N ARG B 117 -16.30 -2.02 6.07
CA ARG B 117 -16.25 -0.64 6.57
C ARG B 117 -15.71 -0.53 8.00
N ILE B 118 -16.17 -1.42 8.88
CA ILE B 118 -15.79 -1.34 10.29
C ILE B 118 -14.30 -1.56 10.50
N LYS B 119 -13.75 -2.58 9.84
CA LYS B 119 -12.33 -2.88 9.93
C LYS B 119 -11.48 -1.73 9.43
N ALA B 120 -11.90 -1.12 8.33
CA ALA B 120 -11.16 -0.01 7.74
C ALA B 120 -11.17 1.21 8.64
N ALA B 121 -12.27 1.42 9.35
CA ALA B 121 -12.41 2.59 10.20
C ALA B 121 -11.60 2.48 11.50
N GLU B 122 -11.21 1.24 11.84
CA GLU B 122 -10.47 1.00 13.07
C GLU B 122 -9.09 1.67 13.04
N PHE B 123 -8.62 1.98 11.83
CA PHE B 123 -7.30 2.56 11.65
C PHE B 123 -7.28 4.09 11.82
N TYR B 124 -8.38 4.66 12.29
CA TYR B 124 -8.43 6.09 12.52
C TYR B 124 -8.14 6.45 13.98
N LYS B 125 -7.61 7.66 14.17
CA LYS B 125 -7.03 8.08 15.44
C LYS B 125 -7.99 8.04 16.61
N ASN B 126 -9.10 8.78 16.51
CA ASN B 126 -10.01 8.83 17.64
C ASN B 126 -11.43 8.47 17.25
N GLU B 127 -12.26 8.36 18.28
CA GLU B 127 -13.60 7.83 18.11
C GLU B 127 -14.49 8.78 17.29
N ASP B 128 -14.29 10.09 17.47
CA ASP B 128 -15.08 11.07 16.74
C ASP B 128 -14.81 11.02 15.24
N LEU B 129 -13.54 10.89 14.87
CA LEU B 129 -13.17 10.81 13.46
C LEU B 129 -13.66 9.50 12.85
N LYS B 130 -13.57 8.42 13.62
CA LYS B 130 -14.05 7.12 13.19
C LYS B 130 -15.54 7.18 12.86
N ARG B 131 -16.28 7.83 13.75
CA ARG B 131 -17.72 8.01 13.58
C ARG B 131 -18.05 8.79 12.31
N ARG B 132 -17.29 9.85 12.05
CA ARG B 132 -17.52 10.64 10.85
C ARG B 132 -17.25 9.85 9.58
N ILE B 133 -16.18 9.06 9.59
CA ILE B 133 -15.84 8.24 8.42
C ILE B 133 -16.98 7.24 8.13
N LEU B 134 -17.49 6.62 9.19
CA LEU B 134 -18.55 5.61 9.02
C LEU B 134 -19.90 6.20 8.67
N SER B 135 -20.10 7.49 8.94
CA SER B 135 -21.35 8.16 8.65
C SER B 135 -21.41 8.67 7.21
N SER B 136 -20.29 8.63 6.50
CA SER B 136 -20.28 9.02 5.07
C SER B 136 -20.19 7.78 4.19
N HIS B 137 -20.62 7.91 2.94
CA HIS B 137 -20.68 6.75 2.03
C HIS B 137 -19.99 7.12 0.73
N PRO B 138 -18.69 6.93 0.68
CA PRO B 138 -17.93 7.47 -0.46
C PRO B 138 -18.37 6.88 -1.79
N VAL B 139 -18.46 7.74 -2.80
CA VAL B 139 -18.90 7.32 -4.13
C VAL B 139 -17.92 7.84 -5.17
N PRO B 140 -17.85 7.18 -6.33
CA PRO B 140 -16.99 7.74 -7.38
C PRO B 140 -17.66 8.94 -8.05
N ALA B 141 -16.88 9.63 -8.90
CA ALA B 141 -17.38 10.72 -9.70
C ALA B 141 -18.46 10.27 -10.69
N ASP B 142 -19.33 11.21 -11.07
CA ASP B 142 -20.40 10.97 -12.04
C ASP B 142 -19.91 10.91 -13.49
N ASN B 143 -18.77 11.54 -13.73
CA ASN B 143 -18.20 11.66 -15.07
C ASN B 143 -16.76 11.18 -15.12
N VAL B 144 -16.40 10.39 -16.13
CA VAL B 144 -15.01 9.92 -16.19
C VAL B 144 -14.32 10.21 -17.52
N PHE B 145 -13.00 10.31 -17.45
CA PHE B 145 -12.16 10.39 -18.65
C PHE B 145 -11.15 9.24 -18.64
N ASP B 146 -10.63 8.87 -19.81
CA ASP B 146 -9.59 7.85 -19.89
C ASP B 146 -8.30 8.36 -19.26
N LEU B 147 -7.79 7.60 -18.30
CA LEU B 147 -6.62 8.01 -17.52
C LEU B 147 -5.48 8.48 -18.42
N LYS B 148 -5.15 7.70 -19.45
CA LYS B 148 -3.95 8.03 -20.24
C LYS B 148 -4.17 9.26 -21.13
N GLN B 149 -5.41 9.56 -21.46
CA GLN B 149 -5.72 10.74 -22.25
C GLN B 149 -5.75 12.02 -21.42
N GLY B 150 -6.13 11.90 -20.16
CA GLY B 150 -6.36 13.07 -19.32
C GLY B 150 -7.58 13.81 -19.85
N LYS B 151 -7.74 15.07 -19.45
CA LYS B 151 -8.87 15.85 -19.91
C LYS B 151 -8.53 17.32 -19.76
N VAL B 152 -8.90 18.12 -20.75
CA VAL B 152 -8.79 19.57 -20.63
C VAL B 152 -10.18 20.20 -20.66
N PHE B 153 -10.49 20.95 -19.60
CA PHE B 153 -11.70 21.75 -19.51
C PHE B 153 -11.43 23.11 -20.12
N SER B 154 -12.44 23.69 -20.75
CA SER B 154 -12.34 25.05 -21.26
C SER B 154 -13.54 25.85 -20.79
N PHE B 155 -13.30 26.77 -19.87
CA PHE B 155 -14.35 27.62 -19.33
C PHE B 155 -14.26 29.01 -19.93
N SER B 156 -15.02 29.23 -21.00
CA SER B 156 -14.89 30.44 -21.82
C SER B 156 -13.41 30.68 -22.18
N ASN B 157 -12.77 29.64 -22.72
CA ASN B 157 -11.37 29.64 -23.17
C ASN B 157 -10.31 29.68 -22.06
N GLU B 158 -10.75 29.61 -20.81
CA GLU B 158 -9.81 29.46 -19.70
C GLU B 158 -9.62 27.98 -19.43
N LEU B 159 -8.40 27.50 -19.63
CA LEU B 159 -8.10 26.06 -19.60
C LEU B 159 -7.78 25.51 -18.23
N VAL B 160 -8.25 24.30 -17.98
CA VAL B 160 -7.88 23.53 -16.79
C VAL B 160 -7.48 22.14 -17.27
N GLU B 161 -6.20 21.81 -17.10
CA GLU B 161 -5.62 20.60 -17.70
C GLU B 161 -5.41 19.49 -16.69
N VAL B 162 -6.02 18.33 -16.92
CA VAL B 162 -5.84 17.19 -16.02
C VAL B 162 -4.99 16.13 -16.73
N SER B 163 -3.93 15.65 -16.09
CA SER B 163 -3.09 14.68 -16.78
C SER B 163 -2.48 13.65 -15.84
N PHE B 164 -2.14 12.51 -16.41
CA PHE B 164 -1.54 11.39 -15.67
C PHE B 164 -0.03 11.34 -15.95
N PRO B 165 0.79 11.62 -14.93
CA PRO B 165 2.25 11.62 -15.14
C PRO B 165 2.87 10.24 -14.90
N GLY B 166 2.06 9.26 -14.53
CA GLY B 166 2.56 7.95 -14.17
C GLY B 166 2.26 7.66 -12.70
N PRO B 167 2.32 6.38 -12.32
CA PRO B 167 2.03 6.04 -10.93
C PRO B 167 3.09 6.56 -9.97
N ALA B 168 2.67 6.88 -8.76
CA ALA B 168 3.60 7.44 -7.78
C ALA B 168 3.03 7.18 -6.39
N HIS B 169 2.39 8.18 -5.79
CA HIS B 169 1.70 7.99 -4.52
C HIS B 169 0.61 6.93 -4.62
N SER B 170 -0.09 6.91 -5.76
CA SER B 170 -1.13 5.91 -6.00
C SER B 170 -1.08 5.55 -7.48
N PRO B 171 -1.75 4.44 -7.88
CA PRO B 171 -1.67 4.03 -9.30
C PRO B 171 -2.34 5.00 -10.26
N ASP B 172 -3.25 5.80 -9.74
CA ASP B 172 -4.15 6.63 -10.51
C ASP B 172 -3.92 8.13 -10.32
N ASN B 173 -2.87 8.53 -9.61
CA ASN B 173 -2.77 9.95 -9.26
C ASN B 173 -2.64 10.84 -10.49
N VAL B 174 -3.48 11.87 -10.55
CA VAL B 174 -3.40 12.86 -11.63
C VAL B 174 -3.09 14.25 -11.08
N VAL B 175 -2.60 15.12 -11.96
CA VAL B 175 -2.33 16.50 -11.57
C VAL B 175 -3.22 17.45 -12.38
N VAL B 176 -3.39 18.65 -11.85
CA VAL B 176 -4.26 19.63 -12.50
C VAL B 176 -3.49 20.94 -12.69
N TYR B 177 -3.38 21.38 -13.95
CA TYR B 177 -2.60 22.57 -14.27
C TYR B 177 -3.48 23.68 -14.80
N PHE B 178 -3.27 24.89 -14.30
CA PHE B 178 -4.00 26.08 -14.72
C PHE B 178 -3.01 27.00 -15.41
N PRO B 179 -2.98 26.96 -16.76
CA PRO B 179 -1.94 27.72 -17.48
C PRO B 179 -1.99 29.22 -17.23
N LYS B 180 -3.18 29.78 -17.06
CA LYS B 180 -3.31 31.21 -16.83
C LYS B 180 -2.61 31.65 -15.55
N LYS B 181 -2.73 30.85 -14.50
CA LYS B 181 -2.14 31.16 -13.19
C LYS B 181 -0.75 30.55 -12.99
N LYS B 182 -0.29 29.76 -13.95
CA LYS B 182 0.96 29.01 -13.83
C LYS B 182 0.94 28.22 -12.52
N LEU B 183 -0.19 27.57 -12.28
CA LEU B 183 -0.47 26.91 -11.01
C LEU B 183 -0.68 25.41 -11.22
N LEU B 184 0.09 24.63 -10.49
CA LEU B 184 0.00 23.18 -10.57
C LEU B 184 -0.46 22.57 -9.26
N PHE B 185 -1.61 21.89 -9.29
CA PHE B 185 -1.99 21.07 -8.14
C PHE B 185 -1.39 19.68 -8.34
N GLY B 186 -0.31 19.40 -7.63
CA GLY B 186 0.37 18.12 -7.80
C GLY B 186 -0.21 17.04 -6.91
N GLY B 187 -0.92 17.42 -5.87
CA GLY B 187 -1.56 16.43 -5.01
C GLY B 187 -0.57 15.59 -4.24
N CYS B 188 -0.94 14.35 -3.94
CA CYS B 188 -0.18 13.60 -2.95
C CYS B 188 1.07 12.92 -3.51
N MET B 189 1.34 13.10 -4.80
CA MET B 189 2.64 12.68 -5.34
C MET B 189 3.71 13.75 -5.13
N ILE B 190 3.33 14.91 -4.60
CA ILE B 190 4.29 15.94 -4.21
C ILE B 190 4.68 15.68 -2.76
N LYS B 191 5.92 15.27 -2.53
CA LYS B 191 6.40 14.89 -1.20
C LYS B 191 7.83 15.37 -1.03
N PRO B 192 7.99 16.64 -0.62
CA PRO B 192 9.31 17.28 -0.60
C PRO B 192 10.21 16.87 0.56
N LYS B 193 9.69 16.12 1.52
CA LYS B 193 10.49 15.70 2.67
C LYS B 193 10.51 14.19 2.89
N GLU B 194 9.35 13.55 2.86
CA GLU B 194 9.26 12.11 3.06
C GLU B 194 8.03 11.57 2.33
N LEU B 195 8.09 10.35 1.84
CA LEU B 195 7.04 9.86 0.93
C LEU B 195 5.69 9.56 1.59
N GLY B 196 5.70 9.23 2.88
CA GLY B 196 4.46 8.91 3.59
C GLY B 196 3.96 7.50 3.33
N TYR B 197 2.64 7.34 3.33
CA TYR B 197 1.98 6.02 3.20
C TYR B 197 2.25 5.34 1.86
N LEU B 198 2.83 4.15 1.91
CA LEU B 198 3.28 3.45 0.69
C LEU B 198 2.35 2.30 0.23
N GLY B 199 1.23 2.13 0.92
CA GLY B 199 0.32 1.02 0.62
C GLY B 199 -0.09 0.90 -0.85
N ASP B 200 -0.35 2.04 -1.50
CA ASP B 200 -0.76 2.06 -2.90
C ASP B 200 0.30 2.65 -3.82
N ALA B 201 1.51 2.83 -3.30
CA ALA B 201 2.55 3.58 -4.01
C ALA B 201 3.38 2.75 -4.97
N ASN B 202 3.90 3.43 -6.00
CA ASN B 202 4.89 2.84 -6.88
C ASN B 202 6.18 3.64 -6.73
N VAL B 203 6.95 3.32 -5.70
CA VAL B 203 8.15 4.09 -5.38
C VAL B 203 9.17 3.99 -6.52
N LYS B 204 9.25 2.83 -7.16
CA LYS B 204 10.21 2.66 -8.25
C LYS B 204 9.91 3.61 -9.41
N ALA B 205 8.63 3.81 -9.71
CA ALA B 205 8.20 4.69 -10.81
C ALA B 205 8.18 6.16 -10.43
N TRP B 206 8.13 6.43 -9.12
CA TRP B 206 7.86 7.79 -8.63
C TRP B 206 8.87 8.86 -9.12
N PRO B 207 10.20 8.56 -9.13
CA PRO B 207 11.11 9.60 -9.64
C PRO B 207 10.79 10.05 -11.08
N ASP B 208 10.54 9.09 -11.97
CA ASP B 208 10.23 9.41 -13.36
C ASP B 208 8.87 10.10 -13.48
N SER B 209 7.90 9.68 -12.68
CA SER B 209 6.58 10.31 -12.70
C SER B 209 6.67 11.78 -12.27
N ALA B 210 7.45 12.03 -11.21
CA ALA B 210 7.64 13.39 -10.75
C ALA B 210 8.46 14.21 -11.76
N ARG B 211 9.42 13.59 -12.42
CA ARG B 211 10.20 14.31 -13.44
C ARG B 211 9.29 14.83 -14.56
N ARG B 212 8.20 14.11 -14.83
CA ARG B 212 7.27 14.53 -15.86
C ARG B 212 6.54 15.82 -15.50
N LEU B 213 6.57 16.20 -14.24
CA LEU B 213 5.90 17.44 -13.82
C LEU B 213 6.76 18.67 -14.09
N LYS B 214 8.03 18.48 -14.44
CA LYS B 214 8.90 19.60 -14.75
C LYS B 214 8.46 20.31 -16.04
N LYS B 215 7.73 19.58 -16.88
CA LYS B 215 7.24 20.10 -18.17
C LYS B 215 6.37 21.34 -17.97
N PHE B 216 5.70 21.40 -16.83
CA PHE B 216 4.79 22.51 -16.52
C PHE B 216 5.52 23.78 -16.10
N ASP B 217 5.10 24.91 -16.66
CA ASP B 217 5.60 26.20 -16.20
C ASP B 217 4.86 26.58 -14.94
N ALA B 218 5.23 25.98 -13.81
CA ALA B 218 4.51 26.26 -12.57
C ALA B 218 5.28 27.26 -11.73
N LYS B 219 4.59 28.33 -11.33
CA LYS B 219 5.12 29.29 -10.36
C LYS B 219 4.74 28.83 -8.96
N ILE B 220 3.57 28.18 -8.88
CA ILE B 220 3.02 27.66 -7.63
C ILE B 220 2.71 26.18 -7.78
N VAL B 221 3.19 25.39 -6.83
CA VAL B 221 2.88 23.97 -6.77
C VAL B 221 2.19 23.64 -5.45
N ILE B 222 0.98 23.09 -5.54
CA ILE B 222 0.23 22.73 -4.34
C ILE B 222 0.27 21.21 -4.11
N PRO B 223 0.79 20.80 -2.96
CA PRO B 223 0.83 19.37 -2.62
C PRO B 223 -0.50 18.91 -1.99
N GLY B 224 -0.68 17.60 -1.86
CA GLY B 224 -1.89 17.07 -1.24
C GLY B 224 -1.97 17.38 0.24
N HIS B 225 -0.80 17.54 0.86
CA HIS B 225 -0.72 17.82 2.29
C HIS B 225 0.42 18.80 2.55
N GLY B 226 0.20 19.73 3.46
CA GLY B 226 1.24 20.66 3.88
C GLY B 226 1.30 21.95 3.09
N GLU B 227 2.34 22.73 3.35
CA GLU B 227 2.50 24.04 2.75
C GLU B 227 2.81 23.93 1.27
N TRP B 228 2.27 24.85 0.48
CA TRP B 228 2.60 24.91 -0.94
C TRP B 228 3.89 25.68 -1.15
N GLY B 229 4.40 25.64 -2.38
CA GLY B 229 5.65 26.28 -2.70
C GLY B 229 5.76 26.54 -4.18
N GLY B 230 6.99 26.65 -4.67
CA GLY B 230 7.25 26.88 -6.08
C GLY B 230 7.69 25.61 -6.80
N PRO B 231 8.32 25.77 -7.97
CA PRO B 231 8.71 24.61 -8.78
C PRO B 231 9.70 23.69 -8.07
N GLU B 232 10.40 24.21 -7.06
CA GLU B 232 11.36 23.40 -6.30
C GLU B 232 10.68 22.22 -5.58
N MET B 233 9.38 22.31 -5.36
CA MET B 233 8.61 21.22 -4.76
C MET B 233 8.75 19.94 -5.57
N VAL B 234 8.86 20.09 -6.88
CA VAL B 234 9.01 18.93 -7.76
C VAL B 234 10.41 18.36 -7.63
N ASN B 235 11.42 19.23 -7.72
CA ASN B 235 12.81 18.80 -7.58
C ASN B 235 13.05 18.06 -6.27
N LYS B 236 12.51 18.59 -5.17
CA LYS B 236 12.68 17.97 -3.87
C LYS B 236 12.02 16.59 -3.82
N THR B 237 10.84 16.47 -4.42
CA THR B 237 10.13 15.20 -4.47
C THR B 237 10.97 14.15 -5.21
N ILE B 238 11.56 14.54 -6.34
CA ILE B 238 12.37 13.60 -7.11
C ILE B 238 13.53 13.06 -6.26
N LYS B 239 14.20 13.95 -5.52
CA LYS B 239 15.32 13.50 -4.69
C LYS B 239 14.84 12.61 -3.53
N VAL B 240 13.71 12.96 -2.92
CA VAL B 240 13.14 12.15 -1.85
C VAL B 240 12.81 10.75 -2.37
N ALA B 241 12.16 10.68 -3.54
CA ALA B 241 11.81 9.40 -4.13
C ALA B 241 13.06 8.61 -4.53
N GLU B 242 14.04 9.27 -5.12
CA GLU B 242 15.26 8.57 -5.52
C GLU B 242 15.99 7.99 -4.31
N LYS B 243 16.00 8.73 -3.20
CA LYS B 243 16.64 8.27 -1.97
C LYS B 243 15.97 6.98 -1.47
N ALA B 244 14.64 6.97 -1.50
CA ALA B 244 13.86 5.81 -1.10
C ALA B 244 14.13 4.59 -1.99
N VAL B 245 14.19 4.82 -3.31
CA VAL B 245 14.46 3.74 -4.24
C VAL B 245 15.80 3.07 -3.92
N GLY B 246 16.80 3.88 -3.59
CA GLY B 246 18.11 3.37 -3.25
C GLY B 246 18.13 2.58 -1.95
N GLU B 247 17.47 3.09 -0.93
CA GLU B 247 17.46 2.43 0.37
C GLU B 247 16.66 1.14 0.34
N MET B 248 15.63 1.12 -0.49
CA MET B 248 14.69 0.01 -0.59
C MET B 248 15.19 -1.04 -1.58
N ARG B 249 16.25 -0.72 -2.31
CA ARG B 249 16.86 -1.64 -3.29
C ARG B 249 15.87 -2.03 -4.37
N LEU B 250 15.02 -1.09 -4.76
CA LEU B 250 13.99 -1.35 -5.77
C LEU B 250 14.57 -1.32 -7.17
ZN ZN C . -11.46 -22.12 15.79
ZN ZN D . 5.48 -8.79 2.55
ZN ZN E . 2.99 -10.96 3.41
ZN ZN F . 14.62 -8.62 21.28
S SO4 G . 14.34 -40.35 -4.32
O1 SO4 G . 13.77 -40.55 -3.00
O2 SO4 G . 15.65 -40.99 -4.42
O3 SO4 G . 13.43 -40.92 -5.31
O4 SO4 G . 14.49 -38.91 -4.58
S SO4 H . 23.39 -24.63 -2.86
O1 SO4 H . 22.47 -24.77 -1.73
O2 SO4 H . 24.13 -25.88 -3.02
O3 SO4 H . 24.31 -23.54 -2.60
O4 SO4 H . 22.64 -24.35 -4.08
S SO4 I . 8.25 -38.89 -8.32
O1 SO4 I . 9.07 -39.30 -7.19
O2 SO4 I . 8.68 -39.59 -9.53
O3 SO4 I . 6.84 -39.23 -8.05
O4 SO4 I . 8.37 -37.45 -8.52
C1 GOL J . -6.57 -20.85 22.48
O1 GOL J . -5.38 -20.85 23.23
C2 GOL J . -7.39 -22.07 22.88
O2 GOL J . -8.26 -22.40 21.80
C3 GOL J . -6.39 -23.19 23.13
O3 GOL J . -6.99 -24.25 23.83
C1 GOL K . -0.51 0.91 -11.77
O1 GOL K . -1.72 0.26 -12.08
C2 GOL K . -0.01 0.62 -10.37
O2 GOL K . -0.26 -0.72 -9.98
C3 GOL K . 1.43 1.04 -10.23
O3 GOL K . 1.82 1.00 -8.88
C1 GOL L . 3.18 -4.03 6.54
O1 GOL L . 1.82 -4.33 6.31
C2 GOL L . 4.04 -4.80 5.55
O2 GOL L . 4.57 -5.95 6.18
C3 GOL L . 3.20 -5.23 4.36
O3 GOL L . 2.13 -6.04 4.79
C1 GOL M . 1.18 -9.10 1.28
O1 GOL M . 2.05 -9.76 2.19
C2 GOL M . 0.34 -8.09 2.03
O2 GOL M . 1.18 -7.08 2.53
C3 GOL M . -0.72 -7.50 1.11
O3 GOL M . -1.67 -6.79 1.88
CL CL N . -4.85 -19.11 -17.58
CL CL O . 11.99 7.03 10.12
ZN ZN P . -3.66 9.48 -1.18
ZN ZN Q . -3.27 12.58 0.33
S SO4 R . -11.89 -6.90 3.95
O1 SO4 R . -11.64 -7.97 4.91
O2 SO4 R . -11.13 -7.15 2.73
O3 SO4 R . -13.31 -6.83 3.64
O4 SO4 R . -11.45 -5.63 4.53
C1 GOL S . 0.00 10.53 1.87
O1 GOL S . -0.71 11.48 1.11
C2 GOL S . 0.00 10.89 3.35
O2 GOL S . -1.32 11.14 3.78
C3 GOL S . 0.55 9.68 4.10
O3 GOL S . 0.80 10.00 5.45
#